data_6OZS
#
_entry.id   6OZS
#
_cell.length_a   70.086
_cell.length_b   73.257
_cell.length_c   155.704
_cell.angle_alpha   90.000
_cell.angle_beta   90.000
_cell.angle_gamma   90.000
#
_symmetry.space_group_name_H-M   'P 21 21 21'
#
loop_
_entity.id
_entity.type
_entity.pdbx_description
1 polymer 'Endonuclease V'
2 polymer "DNA/RNA (5'-R(*CP*GP*GP*UP*AP*AP*CP*CP*C)-D(P*I)-R(P*A)-3')"
3 polymer "RNA (5'-R(P*UP*AP*UP*GP*CP*AP*UP*GP*CP*AP*UP*U)-3')"
4 non-polymer 'MAGNESIUM ION'
5 non-polymer 'TRIETHYLENE GLYCOL'
6 non-polymer 'HEXAETHYLENE GLYCOL'
7 non-polymer GLYCEROL
8 non-polymer 'SODIUM ION'
9 non-polymer 1,2-ETHANEDIOL
10 non-polymer 'TETRAETHYLENE GLYCOL'
11 water water
#
loop_
_entity_poly.entity_id
_entity_poly.type
_entity_poly.pdbx_seq_one_letter_code
_entity_poly.pdbx_strand_id
1 'polypeptide(L)'
;AERPPEETLSLWKGEQARLKARVVDRDTEAWQRDPSFSGLQKVGGVDVSFVKGDSVRACASLVVLSYPELKVVYEDSRMV
GLKAPYVSGFLAFREVPFLVELVQRLQEKEPDLMPQVVLVDGNGVLHQRGFGVACHLGVLTELPCIGVAKKLLQVDGLEN
NALHKEKIVLLQAGGDTFPLIGSSGTVLGMALRSHDHSTKPLYVSVGHRISLEVAVRLTHHCCRFRIPEPIRQADIRSRE
YIRRTLG
;
A,B
2 'polydeoxyribonucleotide/polyribonucleotide hybrid' CGGUAACCC(DI)A c,d
3 'polyribonucleotide' UAUGCAUGCAUU C,D
#
# COMPACT_ATOMS: atom_id res chain seq x y z
N ALA A 1 5.53 23.75 0.22
CA ALA A 1 5.42 25.08 0.80
C ALA A 1 4.48 25.99 -0.02
N GLU A 2 5.01 27.13 -0.47
CA GLU A 2 4.23 28.12 -1.24
C GLU A 2 2.99 28.57 -0.47
N ARG A 3 3.17 28.75 0.84
CA ARG A 3 2.10 29.18 1.72
C ARG A 3 1.65 30.61 1.39
N PRO A 4 0.37 30.93 1.63
CA PRO A 4 -0.11 32.28 1.35
C PRO A 4 0.50 33.29 2.29
N PRO A 5 0.63 34.55 1.86
CA PRO A 5 1.23 35.54 2.74
C PRO A 5 0.39 35.76 3.98
N GLU A 6 1.03 36.28 5.02
CA GLU A 6 0.34 36.42 6.29
C GLU A 6 -0.89 37.30 6.17
N GLU A 7 -0.84 38.34 5.34
CA GLU A 7 -2.00 39.21 5.22
C GLU A 7 -3.21 38.45 4.67
N THR A 8 -3.00 37.48 3.77
CA THR A 8 -4.12 36.68 3.31
C THR A 8 -4.65 35.79 4.42
N LEU A 9 -3.75 35.13 5.16
CA LEU A 9 -4.17 34.28 6.26
C LEU A 9 -4.96 35.08 7.29
N SER A 10 -4.56 36.33 7.50
CA SER A 10 -5.24 37.17 8.47
C SER A 10 -6.65 37.52 8.02
N LEU A 11 -6.87 37.75 6.73
CA LEU A 11 -8.24 37.92 6.25
C LEU A 11 -9.04 36.65 6.51
N TRP A 12 -8.44 35.50 6.26
CA TRP A 12 -9.13 34.22 6.39
C TRP A 12 -9.55 33.95 7.83
N LYS A 13 -8.70 34.29 8.80
CA LYS A 13 -9.12 34.19 10.20
C LYS A 13 -10.34 35.06 10.48
N GLY A 14 -10.37 36.27 9.92
CA GLY A 14 -11.50 37.14 10.15
C GLY A 14 -12.78 36.53 9.63
N GLU A 15 -12.74 36.01 8.41
CA GLU A 15 -13.91 35.35 7.86
C GLU A 15 -14.32 34.15 8.71
N GLN A 16 -13.35 33.42 9.27
CA GLN A 16 -13.70 32.24 10.05
C GLN A 16 -14.42 32.61 11.34
N ALA A 17 -13.98 33.70 11.98
CA ALA A 17 -14.57 34.12 13.24
C ALA A 17 -15.97 34.66 13.03
N ARG A 18 -16.18 35.37 11.92
CA ARG A 18 -17.50 35.92 11.63
C ARG A 18 -18.51 34.79 11.40
N LEU A 19 -18.18 33.85 10.53
CA LEU A 19 -19.09 32.75 10.25
C LEU A 19 -19.27 31.81 11.43
N LYS A 20 -18.30 31.76 12.34
CA LYS A 20 -18.40 30.85 13.47
C LYS A 20 -19.66 31.12 14.28
N ALA A 21 -20.14 32.37 14.27
CA ALA A 21 -21.32 32.72 15.04
C ALA A 21 -22.56 31.97 14.57
N ARG A 22 -22.52 31.38 13.38
CA ARG A 22 -23.68 30.67 12.85
C ARG A 22 -23.64 29.19 13.14
N VAL A 23 -22.68 28.73 13.92
CA VAL A 23 -22.57 27.30 14.19
C VAL A 23 -23.57 26.91 15.27
N VAL A 24 -24.34 25.87 14.98
CA VAL A 24 -25.28 25.27 15.93
C VAL A 24 -24.71 23.92 16.34
N ASP A 25 -24.21 23.82 17.58
CA ASP A 25 -23.62 22.56 18.02
C ASP A 25 -24.52 21.83 19.01
N ARG A 26 -25.79 21.74 18.67
CA ARG A 26 -26.74 20.87 19.34
C ARG A 26 -27.57 20.25 18.24
N ASP A 27 -28.40 19.29 18.63
CA ASP A 27 -29.23 18.56 17.67
C ASP A 27 -30.43 19.39 17.25
N THR A 28 -30.76 19.33 15.95
CA THR A 28 -31.89 20.07 15.42
C THR A 28 -32.81 19.22 14.56
N GLU A 29 -32.59 17.92 14.49
CA GLU A 29 -33.37 17.01 13.67
C GLU A 29 -33.91 15.91 14.57
N ALA A 30 -35.14 15.50 14.31
CA ALA A 30 -35.80 14.54 15.19
C ALA A 30 -35.09 13.18 15.17
N TRP A 31 -34.54 12.78 14.03
CA TRP A 31 -33.83 11.51 13.98
C TRP A 31 -32.59 11.51 14.87
N GLN A 32 -32.03 12.68 15.18
CA GLN A 32 -30.81 12.70 15.99
C GLN A 32 -31.04 12.23 17.41
N ARG A 33 -32.22 12.46 17.98
CA ARG A 33 -32.50 11.99 19.32
C ARG A 33 -33.06 10.57 19.38
N ASP A 34 -33.32 9.93 18.24
CA ASP A 34 -33.89 8.60 18.21
C ASP A 34 -32.82 7.54 18.50
N PRO A 35 -33.12 6.53 19.32
CA PRO A 35 -32.08 5.55 19.71
C PRO A 35 -31.49 4.79 18.55
N SER A 36 -32.26 4.56 17.50
CA SER A 36 -31.77 3.88 16.31
C SER A 36 -31.74 4.80 15.08
N PHE A 37 -31.76 6.12 15.30
CA PHE A 37 -31.75 7.09 14.22
C PHE A 37 -32.89 6.86 13.22
N SER A 38 -34.05 6.40 13.72
CA SER A 38 -35.20 6.18 12.86
C SER A 38 -35.58 7.47 12.14
N GLY A 39 -35.80 7.36 10.83
CA GLY A 39 -36.06 8.52 10.00
C GLY A 39 -34.83 9.05 9.29
N LEU A 40 -33.65 8.65 9.71
CA LEU A 40 -32.44 8.94 8.95
C LEU A 40 -32.39 7.97 7.78
N GLN A 41 -32.43 8.51 6.56
CA GLN A 41 -32.46 7.70 5.36
C GLN A 41 -31.30 7.99 4.41
N LYS A 42 -30.62 9.13 4.53
CA LYS A 42 -29.66 9.58 3.53
C LYS A 42 -28.51 10.25 4.25
N VAL A 43 -27.31 9.69 4.10
CA VAL A 43 -26.07 10.22 4.68
C VAL A 43 -25.12 10.58 3.55
N GLY A 44 -24.57 11.80 3.61
CA GLY A 44 -23.64 12.25 2.60
C GLY A 44 -22.18 12.18 3.02
N GLY A 45 -21.31 12.06 2.03
CA GLY A 45 -19.88 12.10 2.26
C GLY A 45 -19.22 12.93 1.18
N VAL A 46 -18.16 13.64 1.57
CA VAL A 46 -17.44 14.52 0.66
C VAL A 46 -15.94 14.34 0.80
N ASP A 47 -15.23 14.53 -0.31
CA ASP A 47 -13.78 14.45 -0.32
C ASP A 47 -13.24 15.04 -1.62
N VAL A 48 -11.96 15.47 -1.57
CA VAL A 48 -11.26 15.96 -2.73
C VAL A 48 -9.97 15.15 -2.89
N SER A 49 -9.75 14.58 -4.07
CA SER A 49 -8.53 13.88 -4.44
C SER A 49 -7.73 14.69 -5.45
N PHE A 50 -6.43 14.45 -5.47
CA PHE A 50 -5.53 15.28 -6.26
C PHE A 50 -4.74 14.43 -7.25
N VAL A 51 -4.23 15.13 -8.26
CA VAL A 51 -3.30 14.55 -9.22
C VAL A 51 -1.91 14.68 -8.63
N LYS A 52 -1.13 13.61 -8.72
CA LYS A 52 0.28 13.60 -8.30
C LYS A 52 1.17 14.34 -9.31
N VAL A 56 -3.23 21.97 -9.02
CA VAL A 56 -4.48 22.57 -9.44
C VAL A 56 -5.52 21.50 -9.70
N ARG A 57 -5.23 20.60 -10.64
CA ARG A 57 -6.20 19.59 -11.03
C ARG A 57 -6.54 18.69 -9.84
N ALA A 58 -7.82 18.54 -9.58
CA ALA A 58 -8.33 17.74 -8.48
C ALA A 58 -9.67 17.13 -8.86
N CYS A 59 -10.19 16.30 -7.99
CA CYS A 59 -11.51 15.74 -8.20
C CYS A 59 -12.27 15.81 -6.88
N ALA A 60 -13.32 16.65 -6.86
CA ALA A 60 -14.20 16.76 -5.70
C ALA A 60 -15.37 15.83 -5.91
N SER A 61 -15.79 15.18 -4.83
CA SER A 61 -16.79 14.14 -4.92
CA SER A 61 -16.78 14.12 -4.92
C SER A 61 -17.77 14.24 -3.76
N LEU A 62 -19.05 14.07 -4.09
CA LEU A 62 -20.13 14.03 -3.13
C LEU A 62 -20.86 12.72 -3.39
N VAL A 63 -21.06 11.96 -2.33
CA VAL A 63 -21.89 10.76 -2.39
C VAL A 63 -22.99 10.89 -1.37
N VAL A 64 -24.10 10.22 -1.65
CA VAL A 64 -25.17 10.06 -0.69
C VAL A 64 -25.35 8.58 -0.51
N LEU A 65 -25.46 8.15 0.73
CA LEU A 65 -25.66 6.74 1.02
C LEU A 65 -26.99 6.56 1.73
N SER A 66 -27.64 5.43 1.48
CA SER A 66 -28.83 5.08 2.25
C SER A 66 -28.43 4.71 3.67
N TYR A 67 -29.35 4.96 4.59
CA TYR A 67 -29.13 4.53 5.96
C TYR A 67 -30.28 3.63 6.40
N PRO A 68 -29.95 2.51 7.04
CA PRO A 68 -28.65 2.04 7.51
C PRO A 68 -27.86 1.10 6.57
N GLU A 69 -28.29 0.94 5.31
CA GLU A 69 -27.62 -0.02 4.45
C GLU A 69 -26.28 0.48 3.91
N LEU A 70 -26.06 1.80 3.92
CA LEU A 70 -24.78 2.37 3.50
C LEU A 70 -24.47 2.07 2.03
N LYS A 71 -25.50 2.04 1.18
CA LYS A 71 -25.33 1.87 -0.24
C LYS A 71 -25.38 3.21 -0.96
N VAL A 72 -24.52 3.37 -1.96
CA VAL A 72 -24.41 4.63 -2.69
C VAL A 72 -25.62 4.78 -3.58
N VAL A 73 -26.36 5.87 -3.38
CA VAL A 73 -27.54 6.17 -4.18
C VAL A 73 -27.37 7.43 -5.02
N TYR A 74 -26.32 8.20 -4.78
CA TYR A 74 -26.00 9.37 -5.57
C TYR A 74 -24.50 9.54 -5.54
N GLU A 75 -23.92 9.81 -6.71
CA GLU A 75 -22.52 10.15 -6.78
C GLU A 75 -22.32 11.28 -7.76
N ASP A 76 -21.59 12.30 -7.32
CA ASP A 76 -21.10 13.34 -8.21
C ASP A 76 -19.60 13.49 -7.99
N SER A 77 -18.82 13.20 -9.02
CA SER A 77 -17.37 13.37 -8.99
C SER A 77 -17.01 14.37 -10.08
N ARG A 78 -16.38 15.48 -9.71
CA ARG A 78 -16.21 16.58 -10.65
C ARG A 78 -14.74 17.00 -10.69
N MET A 79 -14.22 17.22 -11.89
CA MET A 79 -12.87 17.74 -12.05
C MET A 79 -12.86 19.25 -11.89
N VAL A 80 -12.02 19.75 -10.97
CA VAL A 80 -12.00 21.17 -10.64
C VAL A 80 -10.55 21.64 -10.57
N GLY A 81 -10.37 22.95 -10.75
CA GLY A 81 -9.05 23.52 -10.60
C GLY A 81 -8.92 24.30 -9.31
N LEU A 82 -8.40 23.65 -8.27
CA LEU A 82 -8.24 24.28 -6.97
C LEU A 82 -7.25 25.43 -7.02
N LYS A 83 -7.52 26.45 -6.20
CA LYS A 83 -6.69 27.65 -6.16
C LYS A 83 -5.80 27.72 -4.91
N ALA A 84 -6.34 27.50 -3.76
CA ALA A 84 -5.44 27.77 -2.64
C ALA A 84 -4.63 26.55 -2.24
N PRO A 85 -3.43 26.76 -1.72
CA PRO A 85 -2.66 25.64 -1.19
C PRO A 85 -3.18 25.19 0.17
N TYR A 86 -2.78 23.99 0.56
CA TYR A 86 -3.13 23.47 1.87
C TYR A 86 -2.38 24.27 2.93
N VAL A 87 -3.09 24.89 3.85
CA VAL A 87 -2.48 25.43 5.06
C VAL A 87 -3.29 24.90 6.23
N SER A 88 -2.61 24.36 7.23
CA SER A 88 -3.30 23.79 8.37
C SER A 88 -4.09 24.87 9.10
N GLY A 89 -5.38 24.59 9.33
CA GLY A 89 -6.28 25.55 9.90
C GLY A 89 -7.09 26.33 8.89
N PHE A 90 -6.76 26.20 7.61
CA PHE A 90 -7.46 26.92 6.56
C PHE A 90 -7.92 25.97 5.46
N LEU A 91 -8.14 24.71 5.81
CA LEU A 91 -8.54 23.71 4.83
C LEU A 91 -9.71 24.18 3.99
N ALA A 92 -10.71 24.79 4.63
CA ALA A 92 -11.93 25.17 3.92
C ALA A 92 -11.64 26.09 2.76
N PHE A 93 -10.66 26.97 2.91
CA PHE A 93 -10.38 27.91 1.84
C PHE A 93 -9.84 27.23 0.60
N ARG A 94 -9.49 25.95 0.70
CA ARG A 94 -9.04 25.15 -0.43
C ARG A 94 -10.18 24.27 -0.97
N GLU A 95 -10.93 23.60 -0.10
CA GLU A 95 -11.90 22.60 -0.55
C GLU A 95 -13.36 23.08 -0.54
N VAL A 96 -13.71 24.06 0.29
CA VAL A 96 -15.12 24.29 0.54
C VAL A 96 -15.90 24.90 -0.62
N PRO A 97 -15.36 25.82 -1.44
CA PRO A 97 -16.21 26.34 -2.53
C PRO A 97 -16.64 25.25 -3.50
N PHE A 98 -15.82 24.22 -3.72
CA PHE A 98 -16.21 23.15 -4.63
C PHE A 98 -17.18 22.17 -3.99
N LEU A 99 -17.05 21.93 -2.68
CA LEU A 99 -18.03 21.10 -1.99
C LEU A 99 -19.41 21.77 -1.96
N VAL A 100 -19.44 23.08 -1.70
CA VAL A 100 -20.71 23.81 -1.73
C VAL A 100 -21.33 23.72 -3.12
N GLU A 101 -20.49 23.79 -4.15
CA GLU A 101 -20.97 23.72 -5.51
C GLU A 101 -21.55 22.34 -5.83
N LEU A 102 -21.07 21.29 -5.17
CA LEU A 102 -21.61 19.96 -5.41
C LEU A 102 -23.00 19.81 -4.78
N VAL A 103 -23.18 20.35 -3.59
CA VAL A 103 -24.48 20.34 -2.93
C VAL A 103 -25.53 21.02 -3.81
N GLN A 104 -25.21 22.23 -4.30
CA GLN A 104 -26.12 22.95 -5.18
C GLN A 104 -26.42 22.16 -6.45
N ARG A 105 -25.42 21.46 -6.98
CA ARG A 105 -25.69 20.66 -8.17
C ARG A 105 -26.65 19.52 -7.85
N LEU A 106 -26.51 18.94 -6.66
CA LEU A 106 -27.43 17.90 -6.23
C LEU A 106 -28.84 18.46 -6.13
N GLN A 107 -28.98 19.64 -5.52
CA GLN A 107 -30.30 20.27 -5.38
C GLN A 107 -30.98 20.43 -6.74
N GLU A 108 -30.20 20.73 -7.79
CA GLU A 108 -30.81 20.87 -9.11
C GLU A 108 -31.01 19.53 -9.80
N LYS A 109 -30.23 18.51 -9.49
CA LYS A 109 -30.37 17.28 -10.26
C LYS A 109 -31.26 16.25 -9.55
N GLU A 110 -30.99 15.95 -8.28
CA GLU A 110 -31.83 15.02 -7.50
C GLU A 110 -32.11 15.61 -6.12
N PRO A 111 -32.93 16.66 -6.06
CA PRO A 111 -33.20 17.31 -4.76
C PRO A 111 -33.80 16.38 -3.73
N ASP A 112 -34.42 15.28 -4.16
CA ASP A 112 -34.97 14.29 -3.23
C ASP A 112 -33.91 13.45 -2.56
N LEU A 113 -32.67 13.45 -3.07
CA LEU A 113 -31.57 12.73 -2.46
C LEU A 113 -30.66 13.65 -1.66
N MET A 114 -31.12 14.85 -1.33
CA MET A 114 -30.35 15.74 -0.49
C MET A 114 -30.09 15.05 0.84
N PRO A 115 -28.84 14.99 1.31
CA PRO A 115 -28.57 14.21 2.53
C PRO A 115 -29.05 14.92 3.78
N GLN A 116 -29.46 14.12 4.76
CA GLN A 116 -29.89 14.68 6.03
C GLN A 116 -28.72 15.08 6.91
N VAL A 117 -27.53 14.57 6.60
CA VAL A 117 -26.31 14.90 7.32
C VAL A 117 -25.13 14.54 6.40
N VAL A 118 -24.03 15.25 6.58
CA VAL A 118 -22.86 15.11 5.72
C VAL A 118 -21.64 14.83 6.60
N LEU A 119 -20.91 13.77 6.28
CA LEU A 119 -19.62 13.50 6.91
C LEU A 119 -18.52 14.16 6.09
N VAL A 120 -17.72 14.98 6.74
CA VAL A 120 -16.69 15.78 6.08
C VAL A 120 -15.31 15.27 6.48
N ASP A 121 -14.41 15.14 5.48
CA ASP A 121 -13.05 14.61 5.69
C ASP A 121 -12.17 15.73 6.25
N GLY A 122 -12.28 15.93 7.55
CA GLY A 122 -11.63 17.04 8.23
C GLY A 122 -12.43 17.42 9.45
N ASN A 123 -11.81 18.25 10.28
CA ASN A 123 -12.40 18.60 11.57
C ASN A 123 -13.54 19.62 11.43
N GLY A 124 -14.38 19.65 12.47
CA GLY A 124 -15.31 20.72 12.70
C GLY A 124 -14.79 21.67 13.74
N VAL A 125 -15.36 21.65 14.95
CA VAL A 125 -14.96 22.63 15.95
C VAL A 125 -13.62 22.28 16.56
N LEU A 126 -13.10 21.07 16.33
CA LEU A 126 -11.76 20.70 16.79
C LEU A 126 -10.77 21.36 15.84
N HIS A 127 -10.47 22.62 16.12
CA HIS A 127 -9.87 23.48 15.11
C HIS A 127 -9.26 24.68 15.82
N GLN A 128 -8.18 25.21 15.23
CA GLN A 128 -7.42 26.29 15.85
C GLN A 128 -8.30 27.47 16.23
N ARG A 129 -9.37 27.72 15.48
CA ARG A 129 -10.28 28.81 15.83
C ARG A 129 -11.71 28.31 16.01
N GLY A 130 -11.89 27.03 16.29
CA GLY A 130 -13.21 26.47 16.49
C GLY A 130 -14.08 26.51 15.27
N PHE A 131 -13.49 26.58 14.07
CA PHE A 131 -14.33 26.69 12.88
C PHE A 131 -13.60 25.99 11.73
N GLY A 132 -13.65 24.65 11.76
CA GLY A 132 -12.99 23.84 10.75
C GLY A 132 -13.81 23.67 9.49
N VAL A 133 -13.25 22.95 8.53
CA VAL A 133 -13.92 22.80 7.25
C VAL A 133 -15.33 22.22 7.41
N ALA A 134 -15.55 21.38 8.42
CA ALA A 134 -16.89 20.78 8.57
C ALA A 134 -17.89 21.83 9.05
N CYS A 135 -17.52 22.67 10.01
CA CYS A 135 -18.36 23.80 10.37
C CYS A 135 -18.57 24.72 9.17
N HIS A 136 -17.50 24.94 8.40
CA HIS A 136 -17.56 25.90 7.30
C HIS A 136 -18.52 25.43 6.22
N LEU A 137 -18.52 24.15 5.90
CA LEU A 137 -19.48 23.62 4.94
C LEU A 137 -20.89 23.66 5.50
N GLY A 138 -21.03 23.40 6.82
CA GLY A 138 -22.34 23.41 7.44
C GLY A 138 -22.98 24.79 7.49
N VAL A 139 -22.18 25.81 7.76
CA VAL A 139 -22.71 27.18 7.82
C VAL A 139 -23.12 27.67 6.43
N LEU A 140 -22.39 27.28 5.38
CA LEU A 140 -22.73 27.76 4.04
C LEU A 140 -23.86 26.96 3.37
N THR A 141 -24.10 25.72 3.80
CA THR A 141 -25.20 24.96 3.26
C THR A 141 -26.35 24.81 4.26
N GLU A 142 -26.11 25.11 5.53
CA GLU A 142 -27.06 24.87 6.62
C GLU A 142 -27.41 23.39 6.75
N LEU A 143 -26.66 22.49 6.10
CA LEU A 143 -26.85 21.07 6.37
C LEU A 143 -26.19 20.69 7.69
N PRO A 144 -26.73 19.68 8.38
CA PRO A 144 -25.99 19.08 9.50
C PRO A 144 -24.71 18.41 8.99
N CYS A 145 -23.57 18.73 9.63
CA CYS A 145 -22.28 18.21 9.20
C CYS A 145 -21.50 17.64 10.37
N ILE A 146 -20.77 16.56 10.11
CA ILE A 146 -19.87 15.96 11.08
C ILE A 146 -18.45 16.08 10.56
N GLY A 147 -17.54 16.53 11.42
CA GLY A 147 -16.13 16.48 11.13
C GLY A 147 -15.49 15.17 11.53
N VAL A 148 -14.88 14.49 10.58
CA VAL A 148 -14.13 13.26 10.83
C VAL A 148 -12.72 13.47 10.32
N ALA A 149 -11.75 13.45 11.23
CA ALA A 149 -10.35 13.57 10.89
C ALA A 149 -9.62 12.28 11.19
N LYS A 150 -8.58 12.01 10.38
CA LYS A 150 -7.81 10.78 10.43
C LYS A 150 -6.56 10.88 11.29
N LYS A 151 -6.09 12.09 11.57
CA LYS A 151 -5.09 12.31 12.60
C LYS A 151 -5.47 13.53 13.43
N LEU A 152 -4.84 13.67 14.58
CA LEU A 152 -5.22 14.65 15.59
C LEU A 152 -4.70 16.02 15.22
N LEU A 153 -5.59 17.00 15.09
CA LEU A 153 -5.19 18.39 14.93
C LEU A 153 -4.82 18.94 16.31
N GLN A 154 -3.56 19.34 16.48
CA GLN A 154 -3.04 19.69 17.79
C GLN A 154 -3.33 21.17 18.09
N VAL A 155 -4.38 21.41 18.88
CA VAL A 155 -4.89 22.74 19.19
C VAL A 155 -5.30 22.75 20.66
N ASP A 156 -5.17 23.92 21.31
CA ASP A 156 -5.65 24.12 22.68
C ASP A 156 -5.14 23.03 23.63
N GLY A 157 -3.82 22.84 23.62
CA GLY A 157 -3.14 21.87 24.46
C GLY A 157 -3.20 20.43 23.98
N LEU A 158 -4.08 20.10 23.04
CA LEU A 158 -4.13 18.73 22.53
C LEU A 158 -2.85 18.38 21.77
N GLU A 159 -2.34 17.17 22.02
CA GLU A 159 -1.06 16.71 21.50
C GLU A 159 -1.04 15.20 21.29
N ASN A 160 -0.39 14.73 20.22
CA ASN A 160 -0.24 13.29 20.01
C ASN A 160 1.01 12.79 20.73
N ASN A 161 1.04 13.04 22.04
CA ASN A 161 2.17 12.75 22.90
C ASN A 161 1.95 11.38 23.56
N ALA A 162 2.80 11.05 24.52
CA ALA A 162 2.74 9.73 25.16
C ALA A 162 1.41 9.54 25.88
N LEU A 163 0.95 10.58 26.58
CA LEU A 163 -0.29 10.46 27.33
C LEU A 163 -1.46 10.20 26.37
N HIS A 164 -1.49 10.92 25.25
CA HIS A 164 -2.56 10.70 24.28
C HIS A 164 -2.48 9.29 23.70
N LYS A 165 -1.26 8.81 23.41
CA LYS A 165 -1.09 7.47 22.92
C LYS A 165 -1.50 6.43 23.95
N GLU A 166 -1.30 6.74 25.23
CA GLU A 166 -1.78 5.85 26.28
C GLU A 166 -3.30 5.72 26.24
N LYS A 167 -4.01 6.83 26.04
CA LYS A 167 -5.46 6.73 25.96
C LYS A 167 -5.88 5.90 24.76
N ILE A 168 -5.17 6.02 23.64
CA ILE A 168 -5.52 5.23 22.46
C ILE A 168 -5.40 3.73 22.79
N VAL A 169 -4.46 3.38 23.67
CA VAL A 169 -4.34 1.99 24.11
C VAL A 169 -5.57 1.55 24.89
N LEU A 170 -6.22 2.47 25.59
CA LEU A 170 -7.42 2.10 26.31
C LEU A 170 -8.61 1.89 25.40
N LEU A 171 -8.65 2.51 24.21
CA LEU A 171 -9.63 2.13 23.20
C LEU A 171 -9.38 0.68 22.83
N GLN A 172 -10.31 -0.20 23.16
CA GLN A 172 -10.11 -1.63 23.02
C GLN A 172 -11.09 -2.29 22.08
N ALA A 173 -12.28 -1.74 21.93
CA ALA A 173 -13.28 -2.32 21.05
C ALA A 173 -13.83 -1.24 20.14
N GLY A 174 -14.42 -1.68 19.03
CA GLY A 174 -15.09 -0.77 18.12
C GLY A 174 -16.17 -0.02 18.88
N GLY A 175 -16.20 1.30 18.70
CA GLY A 175 -17.17 2.12 19.40
C GLY A 175 -16.62 2.82 20.63
N ASP A 176 -15.51 2.35 21.17
CA ASP A 176 -14.91 3.02 22.30
C ASP A 176 -14.45 4.43 21.93
N THR A 177 -14.49 5.31 22.92
CA THR A 177 -14.25 6.74 22.74
C THR A 177 -13.46 7.26 23.92
N PHE A 178 -12.86 8.43 23.74
CA PHE A 178 -12.47 9.23 24.89
C PHE A 178 -12.52 10.68 24.44
N PRO A 179 -12.82 11.59 25.36
CA PRO A 179 -13.01 12.99 24.95
C PRO A 179 -11.72 13.73 24.78
N LEU A 180 -11.72 14.65 23.83
CA LEU A 180 -10.58 15.53 23.57
C LEU A 180 -10.86 16.81 24.34
N ILE A 181 -10.22 16.94 25.49
CA ILE A 181 -10.50 18.02 26.42
C ILE A 181 -9.48 19.12 26.20
N GLY A 182 -9.92 20.28 25.74
CA GLY A 182 -9.02 21.41 25.56
C GLY A 182 -8.53 21.94 26.89
N SER A 183 -7.55 22.84 26.82
CA SER A 183 -7.07 23.50 28.04
C SER A 183 -8.14 24.39 28.65
N SER A 184 -9.09 24.84 27.83
CA SER A 184 -10.22 25.64 28.28
C SER A 184 -11.24 24.84 29.09
N GLY A 185 -11.08 23.53 29.25
CA GLY A 185 -12.11 22.71 29.83
C GLY A 185 -13.20 22.33 28.85
N THR A 186 -13.07 22.73 27.60
CA THR A 186 -14.03 22.42 26.56
C THR A 186 -13.74 21.05 25.96
N VAL A 187 -14.80 20.29 25.69
CA VAL A 187 -14.66 19.03 24.97
C VAL A 187 -14.80 19.37 23.49
N LEU A 188 -13.66 19.38 22.78
CA LEU A 188 -13.64 19.78 21.37
C LEU A 188 -14.00 18.65 20.42
N GLY A 189 -13.85 17.41 20.85
CA GLY A 189 -14.14 16.30 19.98
C GLY A 189 -13.92 15.01 20.72
N MET A 190 -14.02 13.91 20.00
CA MET A 190 -13.85 12.59 20.59
C MET A 190 -12.89 11.78 19.75
N ALA A 191 -12.05 11.00 20.43
CA ALA A 191 -11.33 9.94 19.77
C ALA A 191 -12.24 8.73 19.70
N LEU A 192 -12.33 8.13 18.52
CA LEU A 192 -13.22 7.00 18.31
C LEU A 192 -12.48 5.84 17.67
N ARG A 193 -12.59 4.67 18.26
CA ARG A 193 -12.09 3.47 17.62
C ARG A 193 -13.15 2.92 16.66
N SER A 194 -12.83 2.88 15.35
CA SER A 194 -13.86 2.64 14.33
C SER A 194 -14.42 1.23 14.41
N HIS A 195 -13.56 0.23 14.55
CA HIS A 195 -14.05 -1.14 14.69
C HIS A 195 -13.03 -1.96 15.47
N ASP A 196 -13.36 -3.23 15.63
CA ASP A 196 -12.54 -4.11 16.46
C ASP A 196 -11.14 -4.30 15.89
N HIS A 197 -11.00 -4.23 14.56
CA HIS A 197 -9.73 -4.56 13.92
C HIS A 197 -9.00 -3.31 13.43
N SER A 198 -9.12 -2.21 14.19
CA SER A 198 -8.42 -0.97 13.90
CA SER A 198 -8.42 -0.97 13.90
C SER A 198 -7.94 -0.39 15.22
N THR A 199 -6.71 0.10 15.24
CA THR A 199 -6.20 0.73 16.46
C THR A 199 -6.01 2.22 16.34
N LYS A 200 -5.79 2.74 15.12
CA LYS A 200 -5.64 4.18 14.95
C LYS A 200 -7.00 4.86 14.97
N PRO A 201 -7.28 5.71 15.95
CA PRO A 201 -8.64 6.27 16.08
C PRO A 201 -8.97 7.30 15.01
N LEU A 202 -10.26 7.53 14.84
CA LEU A 202 -10.78 8.68 14.12
C LEU A 202 -10.99 9.81 15.11
N TYR A 203 -10.89 11.05 14.63
CA TYR A 203 -11.08 12.23 15.48
C TYR A 203 -12.35 12.95 15.06
N VAL A 204 -13.42 12.79 15.84
CA VAL A 204 -14.76 13.23 15.48
C VAL A 204 -15.11 14.51 16.23
N SER A 205 -15.57 15.52 15.48
CA SER A 205 -16.02 16.76 16.10
C SER A 205 -17.27 17.27 15.39
N VAL A 206 -18.00 18.12 16.11
CA VAL A 206 -19.23 18.71 15.58
C VAL A 206 -18.89 19.62 14.42
N GLY A 207 -19.59 19.44 13.31
CA GLY A 207 -19.59 20.42 12.24
C GLY A 207 -20.68 21.46 12.46
N HIS A 208 -21.95 21.06 12.40
CA HIS A 208 -23.09 21.97 12.44
C HIS A 208 -24.37 21.17 12.65
N ARG A 209 -25.24 21.69 13.52
CA ARG A 209 -26.61 21.18 13.69
C ARG A 209 -26.62 19.72 14.13
N ILE A 210 -25.64 19.35 14.94
CA ILE A 210 -25.60 18.03 15.52
C ILE A 210 -24.85 18.16 16.83
N SER A 211 -25.07 17.21 17.73
CA SER A 211 -24.35 17.19 19.00
C SER A 211 -23.21 16.21 18.87
N LEU A 212 -22.25 16.33 19.80
CA LEU A 212 -21.04 15.51 19.69
C LEU A 212 -21.35 14.04 19.88
N GLU A 213 -22.13 13.70 20.92
CA GLU A 213 -22.41 12.30 21.18
C GLU A 213 -23.21 11.67 20.05
N VAL A 214 -24.08 12.45 19.41
CA VAL A 214 -24.80 11.94 18.25
C VAL A 214 -23.87 11.80 17.05
N ALA A 215 -23.00 12.79 16.83
CA ALA A 215 -22.01 12.71 15.74
C ALA A 215 -21.09 11.50 15.90
N VAL A 216 -20.65 11.23 17.13
CA VAL A 216 -19.79 10.08 17.38
C VAL A 216 -20.54 8.78 17.12
N ARG A 217 -21.76 8.67 17.66
CA ARG A 217 -22.52 7.43 17.50
C ARG A 217 -22.85 7.19 16.04
N LEU A 218 -23.12 8.26 15.31
CA LEU A 218 -23.45 8.10 13.89
C LEU A 218 -22.23 7.69 13.09
N THR A 219 -21.09 8.38 13.32
CA THR A 219 -19.85 7.99 12.66
C THR A 219 -19.57 6.51 12.89
N HIS A 220 -19.69 6.07 14.15
CA HIS A 220 -19.47 4.66 14.45
C HIS A 220 -20.36 3.76 13.60
N HIS A 221 -21.61 4.16 13.39
CA HIS A 221 -22.52 3.33 12.59
C HIS A 221 -22.16 3.32 11.11
N CYS A 222 -21.41 4.30 10.63
CA CYS A 222 -21.04 4.31 9.23
C CYS A 222 -19.75 3.56 8.94
N CYS A 223 -19.09 3.01 9.97
CA CYS A 223 -17.74 2.44 9.88
C CYS A 223 -17.80 0.95 9.60
N ARG A 224 -17.81 0.57 8.32
CA ARG A 224 -17.48 -0.79 7.92
C ARG A 224 -15.99 -1.03 8.11
N PHE A 225 -15.19 -0.07 7.70
CA PHE A 225 -13.75 -0.06 7.82
C PHE A 225 -13.37 1.15 8.67
N ARG A 226 -12.09 1.46 8.74
CA ARG A 226 -11.70 2.54 9.63
C ARG A 226 -12.35 3.85 9.20
N ILE A 227 -12.31 4.14 7.90
CA ILE A 227 -12.88 5.38 7.38
C ILE A 227 -14.39 5.19 7.23
N PRO A 228 -15.20 6.10 7.77
CA PRO A 228 -16.66 5.96 7.64
C PRO A 228 -17.07 5.91 6.18
N GLU A 229 -18.02 5.03 5.91
CA GLU A 229 -18.34 4.66 4.53
C GLU A 229 -18.67 5.86 3.63
N PRO A 230 -19.39 6.89 4.07
CA PRO A 230 -19.61 8.04 3.16
C PRO A 230 -18.33 8.73 2.73
N ILE A 231 -17.43 9.03 3.66
CA ILE A 231 -16.12 9.58 3.30
C ILE A 231 -15.34 8.57 2.46
N ARG A 232 -15.34 7.31 2.86
CA ARG A 232 -14.53 6.30 2.18
C ARG A 232 -14.95 6.17 0.72
N GLN A 233 -16.25 6.20 0.47
CA GLN A 233 -16.75 6.10 -0.90
C GLN A 233 -16.43 7.35 -1.71
N ALA A 234 -16.50 8.52 -1.09
CA ALA A 234 -16.14 9.72 -1.85
C ALA A 234 -14.64 9.71 -2.17
N ASP A 235 -13.82 9.30 -1.21
CA ASP A 235 -12.39 9.21 -1.44
C ASP A 235 -12.07 8.18 -2.50
N ILE A 236 -12.69 7.01 -2.42
CA ILE A 236 -12.42 5.96 -3.39
C ILE A 236 -12.87 6.40 -4.79
N ARG A 237 -14.10 6.91 -4.88
CA ARG A 237 -14.61 7.24 -6.20
C ARG A 237 -13.90 8.45 -6.81
N SER A 238 -13.51 9.42 -5.99
CA SER A 238 -12.81 10.57 -6.55
C SER A 238 -11.42 10.19 -7.06
N ARG A 239 -10.71 9.30 -6.34
CA ARG A 239 -9.37 8.88 -6.80
C ARG A 239 -9.48 8.01 -8.04
N GLU A 240 -10.44 7.09 -8.06
CA GLU A 240 -10.76 6.27 -9.21
C GLU A 240 -11.16 7.11 -10.41
N TYR A 241 -11.85 8.23 -10.16
CA TYR A 241 -12.24 9.09 -11.26
C TYR A 241 -11.01 9.73 -11.90
N ILE A 242 -10.03 10.10 -11.07
CA ILE A 242 -8.79 10.65 -11.61
C ILE A 242 -8.08 9.61 -12.45
N ARG A 243 -7.91 8.39 -11.92
CA ARG A 243 -7.23 7.32 -12.63
C ARG A 243 -7.83 7.09 -14.01
N ARG A 244 -9.15 7.16 -14.11
CA ARG A 244 -9.85 6.87 -15.37
C ARG A 244 -9.45 7.86 -16.46
N THR A 245 -9.52 9.15 -16.14
CA THR A 245 -9.00 10.20 -17.02
C THR A 245 -7.51 10.39 -16.69
N LEU A 246 -6.72 9.39 -17.12
CA LEU A 246 -5.43 9.05 -16.53
C LEU A 246 -4.62 10.27 -16.11
N GLY A 247 -3.96 10.15 -14.96
CA GLY A 247 -3.14 11.23 -14.44
C GLY A 247 -1.92 10.76 -13.67
N ARG B 3 2.87 -10.33 -27.78
CA ARG B 3 2.79 -11.80 -27.81
C ARG B 3 3.71 -12.37 -28.90
N PRO B 4 4.44 -13.43 -28.59
CA PRO B 4 5.43 -13.94 -29.53
C PRO B 4 4.89 -15.07 -30.38
N PRO B 5 5.35 -15.18 -31.63
CA PRO B 5 4.93 -16.30 -32.48
C PRO B 5 5.48 -17.64 -31.99
N GLU B 6 4.86 -18.71 -32.48
CA GLU B 6 5.30 -20.06 -32.12
C GLU B 6 6.76 -20.29 -32.55
N GLU B 7 7.18 -19.63 -33.63
CA GLU B 7 8.57 -19.68 -34.06
C GLU B 7 9.52 -19.37 -32.91
N THR B 8 9.23 -18.29 -32.18
CA THR B 8 10.07 -17.93 -31.05
C THR B 8 9.90 -18.94 -29.91
N LEU B 9 8.66 -19.40 -29.70
CA LEU B 9 8.34 -20.28 -28.57
C LEU B 9 9.14 -21.59 -28.61
N SER B 10 9.21 -22.24 -29.77
CA SER B 10 9.94 -23.51 -29.85
C SER B 10 11.43 -23.30 -29.73
N LEU B 11 11.96 -22.25 -30.37
CA LEU B 11 13.34 -21.83 -30.15
C LEU B 11 13.62 -21.63 -28.67
N TRP B 12 12.60 -21.32 -27.86
CA TRP B 12 12.81 -21.09 -26.44
C TRP B 12 12.81 -22.37 -25.63
N LYS B 13 11.89 -23.30 -25.93
CA LYS B 13 11.94 -24.60 -25.30
C LYS B 13 13.29 -25.26 -25.59
N GLY B 14 13.77 -25.12 -26.83
CA GLY B 14 15.04 -25.72 -27.21
C GLY B 14 16.23 -25.12 -26.49
N GLU B 15 16.29 -23.79 -26.42
CA GLU B 15 17.40 -23.13 -25.72
C GLU B 15 17.42 -23.53 -24.25
N GLN B 16 16.25 -23.74 -23.65
CA GLN B 16 16.20 -24.10 -22.23
C GLN B 16 16.76 -25.51 -22.00
N ALA B 17 16.45 -26.46 -22.89
CA ALA B 17 16.96 -27.82 -22.71
C ALA B 17 18.45 -27.85 -22.97
N ARG B 18 18.90 -27.06 -23.93
CA ARG B 18 20.31 -26.98 -24.26
C ARG B 18 21.12 -26.48 -23.07
N LEU B 19 20.67 -25.39 -22.44
CA LEU B 19 21.45 -24.85 -21.33
C LEU B 19 21.29 -25.67 -20.06
N LYS B 20 20.20 -26.43 -19.92
CA LYS B 20 19.97 -27.21 -18.70
C LYS B 20 21.15 -28.14 -18.42
N ALA B 21 21.87 -28.58 -19.45
CA ALA B 21 22.98 -29.51 -19.25
C ALA B 21 24.10 -28.92 -18.40
N ARG B 22 24.16 -27.60 -18.23
CA ARG B 22 25.23 -26.99 -17.45
C ARG B 22 24.83 -26.70 -16.01
N VAL B 23 23.66 -27.15 -15.57
CA VAL B 23 23.23 -26.82 -14.22
C VAL B 23 23.97 -27.71 -13.22
N VAL B 24 24.58 -27.07 -12.22
CA VAL B 24 25.25 -27.75 -11.12
C VAL B 24 24.40 -27.54 -9.88
N ASP B 25 23.75 -28.60 -9.41
CA ASP B 25 22.86 -28.52 -8.24
C ASP B 25 23.48 -29.16 -7.00
N ARG B 26 24.75 -28.87 -6.78
CA ARG B 26 25.45 -29.20 -5.55
C ARG B 26 26.33 -28.01 -5.20
N ASP B 27 26.90 -28.04 -4.01
CA ASP B 27 27.70 -26.93 -3.55
C ASP B 27 29.09 -26.98 -4.16
N THR B 28 29.58 -25.81 -4.60
CA THR B 28 30.90 -25.71 -5.20
C THR B 28 31.73 -24.59 -4.58
N GLU B 29 31.26 -23.97 -3.50
CA GLU B 29 31.99 -22.87 -2.88
C GLU B 29 32.24 -23.22 -1.42
N ALA B 30 33.44 -22.87 -0.93
CA ALA B 30 33.85 -23.28 0.41
C ALA B 30 32.93 -22.71 1.48
N TRP B 31 32.42 -21.50 1.29
CA TRP B 31 31.53 -20.90 2.30
C TRP B 31 30.22 -21.68 2.44
N GLN B 32 29.79 -22.37 1.38
CA GLN B 32 28.51 -23.06 1.41
C GLN B 32 28.51 -24.22 2.40
N ARG B 33 29.66 -24.83 2.61
CA ARG B 33 29.78 -25.91 3.57
C ARG B 33 30.08 -25.37 4.96
N ASP B 34 30.27 -24.08 5.08
CA ASP B 34 30.66 -23.61 6.40
C ASP B 34 29.41 -23.47 7.29
N PRO B 35 29.49 -23.89 8.55
CA PRO B 35 28.29 -23.86 9.39
C PRO B 35 27.71 -22.46 9.57
N SER B 36 28.54 -21.42 9.54
CA SER B 36 28.02 -20.06 9.61
C SER B 36 28.26 -19.28 8.33
N PHE B 37 28.48 -19.98 7.22
CA PHE B 37 28.77 -19.33 5.94
C PHE B 37 29.98 -18.39 6.05
N SER B 38 30.94 -18.75 6.90
CA SER B 38 32.16 -17.95 7.01
C SER B 38 32.84 -17.88 5.65
N GLY B 39 33.24 -16.68 5.25
CA GLY B 39 33.82 -16.45 3.95
C GLY B 39 32.85 -15.93 2.92
N LEU B 40 31.55 -16.03 3.19
CA LEU B 40 30.54 -15.36 2.39
C LEU B 40 30.50 -13.89 2.78
N GLN B 41 30.82 -13.01 1.84
CA GLN B 41 30.84 -11.59 2.14
C GLN B 41 29.89 -10.76 1.27
N LYS B 42 29.42 -11.28 0.14
CA LYS B 42 28.72 -10.49 -0.86
C LYS B 42 27.59 -11.31 -1.47
N VAL B 43 26.36 -10.86 -1.27
CA VAL B 43 25.16 -11.51 -1.80
C VAL B 43 24.45 -10.57 -2.76
N GLY B 44 24.13 -11.06 -3.95
CA GLY B 44 23.48 -10.25 -4.96
C GLY B 44 21.99 -10.54 -5.05
N GLY B 45 21.25 -9.53 -5.50
CA GLY B 45 19.82 -9.68 -5.75
C GLY B 45 19.48 -8.98 -7.05
N VAL B 46 18.55 -9.55 -7.83
CA VAL B 46 18.20 -9.01 -9.13
C VAL B 46 16.68 -8.95 -9.28
N ASP B 47 16.22 -7.92 -9.98
CA ASP B 47 14.80 -7.78 -10.26
C ASP B 47 14.56 -6.74 -11.34
N VAL B 48 13.44 -6.88 -12.02
CA VAL B 48 13.00 -5.95 -13.05
C VAL B 48 11.60 -5.45 -12.69
N SER B 49 11.41 -4.14 -12.74
CA SER B 49 10.10 -3.54 -12.55
C SER B 49 9.51 -3.11 -13.89
N PHE B 50 8.18 -3.06 -13.95
CA PHE B 50 7.50 -2.73 -15.19
C PHE B 50 6.65 -1.49 -15.00
N VAL B 51 6.35 -0.84 -16.12
CA VAL B 51 5.47 0.32 -16.14
C VAL B 51 4.02 -0.14 -16.33
N LYS B 52 3.10 0.55 -15.66
CA LYS B 52 1.69 0.23 -15.89
C LYS B 52 1.26 0.64 -17.30
N GLY B 53 1.84 1.71 -17.84
CA GLY B 53 1.49 2.21 -19.14
C GLY B 53 2.21 1.57 -20.32
N ASP B 54 3.52 1.34 -20.21
CA ASP B 54 4.33 0.85 -21.32
C ASP B 54 4.55 -0.66 -21.17
N SER B 55 4.20 -1.40 -22.22
CA SER B 55 4.60 -2.80 -22.31
C SER B 55 6.08 -2.94 -22.65
N VAL B 56 6.70 -1.86 -23.13
CA VAL B 56 8.07 -1.88 -23.64
C VAL B 56 9.04 -1.50 -22.53
N ARG B 57 8.86 -0.31 -21.96
CA ARG B 57 9.78 0.19 -20.96
C ARG B 57 9.74 -0.65 -19.68
N ALA B 58 10.92 -0.97 -19.16
CA ALA B 58 11.07 -1.67 -17.89
C ALA B 58 12.35 -1.18 -17.24
N CYS B 59 12.54 -1.54 -15.98
CA CYS B 59 13.74 -1.16 -15.24
C CYS B 59 14.32 -2.39 -14.56
N ALA B 60 15.52 -2.79 -15.01
CA ALA B 60 16.26 -3.90 -14.42
C ALA B 60 17.26 -3.38 -13.42
N SER B 61 17.36 -4.04 -12.28
CA SER B 61 18.22 -3.58 -11.22
C SER B 61 19.00 -4.74 -10.62
N LEU B 62 20.24 -4.45 -10.21
CA LEU B 62 21.11 -5.40 -9.53
C LEU B 62 21.68 -4.73 -8.30
N VAL B 63 21.59 -5.41 -7.16
CA VAL B 63 22.23 -4.95 -5.94
C VAL B 63 23.19 -6.02 -5.43
N VAL B 64 24.19 -5.56 -4.70
CA VAL B 64 25.08 -6.43 -3.95
C VAL B 64 25.02 -5.98 -2.51
N LEU B 65 24.84 -6.92 -1.59
CA LEU B 65 24.73 -6.58 -0.18
C LEU B 65 25.87 -7.22 0.59
N SER B 66 26.32 -6.54 1.62
CA SER B 66 27.31 -7.15 2.50
C SER B 66 26.66 -8.26 3.31
N TYR B 67 27.46 -9.27 3.64
CA TYR B 67 27.00 -10.35 4.48
C TYR B 67 27.93 -10.49 5.67
N PRO B 68 27.36 -10.63 6.88
CA PRO B 68 25.93 -10.80 7.19
C PRO B 68 25.10 -9.55 7.52
N GLU B 69 25.67 -8.35 7.32
CA GLU B 69 24.99 -7.12 7.71
C GLU B 69 23.86 -6.74 6.75
N LEU B 70 23.85 -7.28 5.54
CA LEU B 70 22.77 -7.03 4.57
C LEU B 70 22.68 -5.55 4.21
N LYS B 71 23.79 -4.83 4.26
CA LYS B 71 23.81 -3.43 3.80
C LYS B 71 24.16 -3.39 2.32
N VAL B 72 23.42 -2.58 1.57
CA VAL B 72 23.63 -2.45 0.14
C VAL B 72 24.98 -1.78 -0.11
N VAL B 73 25.85 -2.45 -0.87
CA VAL B 73 27.15 -1.90 -1.22
C VAL B 73 27.31 -1.66 -2.71
N TYR B 74 26.37 -2.12 -3.55
CA TYR B 74 26.37 -1.84 -4.97
C TYR B 74 24.93 -1.82 -5.50
N GLU B 75 24.64 -0.83 -6.35
CA GLU B 75 23.37 -0.72 -7.04
C GLU B 75 23.57 -0.32 -8.49
N ASP B 76 22.95 -1.06 -9.41
CA ASP B 76 22.86 -0.62 -10.79
C ASP B 76 21.42 -0.81 -11.23
N SER B 77 20.75 0.29 -11.59
CA SER B 77 19.37 0.25 -12.08
C SER B 77 19.29 0.88 -13.46
N ARG B 78 18.74 0.11 -14.41
CA ARG B 78 18.78 0.44 -15.84
C ARG B 78 17.40 0.34 -16.49
N MET B 79 16.97 1.42 -17.14
CA MET B 79 15.84 1.39 -18.06
C MET B 79 16.22 0.61 -19.32
N VAL B 80 15.37 -0.33 -19.69
CA VAL B 80 15.63 -1.25 -20.79
C VAL B 80 14.39 -1.33 -21.67
N GLY B 81 14.59 -1.82 -22.88
CA GLY B 81 13.51 -2.05 -23.81
C GLY B 81 13.16 -3.53 -23.86
N LEU B 82 12.05 -3.90 -23.25
CA LEU B 82 11.63 -5.30 -23.23
C LEU B 82 11.43 -5.81 -24.65
N LYS B 83 11.76 -7.08 -24.88
CA LYS B 83 11.63 -7.72 -26.18
C LYS B 83 10.51 -8.74 -26.22
N ALA B 84 10.44 -9.59 -25.25
CA ALA B 84 9.41 -10.61 -25.12
C ALA B 84 8.37 -10.21 -24.08
N PRO B 85 7.10 -10.59 -24.29
CA PRO B 85 6.09 -10.45 -23.25
C PRO B 85 6.24 -11.54 -22.19
N TYR B 86 5.57 -11.33 -21.05
CA TYR B 86 5.57 -12.36 -20.03
C TYR B 86 4.77 -13.56 -20.50
N VAL B 87 5.42 -14.71 -20.60
CA VAL B 87 4.78 -16.00 -20.80
C VAL B 87 5.30 -16.92 -19.71
N SER B 88 4.40 -17.61 -19.01
CA SER B 88 4.81 -18.44 -17.90
C SER B 88 5.71 -19.58 -18.36
N GLY B 89 6.86 -19.72 -17.70
CA GLY B 89 7.86 -20.69 -18.10
C GLY B 89 8.98 -20.12 -18.94
N PHE B 90 8.85 -18.87 -19.39
CA PHE B 90 9.87 -18.25 -20.24
C PHE B 90 10.34 -16.92 -19.68
N LEU B 91 10.22 -16.72 -18.37
CA LEU B 91 10.56 -15.44 -17.76
C LEU B 91 11.94 -14.97 -18.20
N ALA B 92 12.91 -15.90 -18.25
CA ALA B 92 14.29 -15.53 -18.55
C ALA B 92 14.39 -14.83 -19.89
N PHE B 93 13.58 -15.27 -20.86
CA PHE B 93 13.66 -14.64 -22.17
C PHE B 93 13.17 -13.21 -22.17
N ARG B 94 12.55 -12.77 -21.07
CA ARG B 94 12.09 -11.40 -20.90
C ARG B 94 13.00 -10.58 -20.01
N GLU B 95 13.52 -11.15 -18.92
CA GLU B 95 14.33 -10.40 -17.96
C GLU B 95 15.81 -10.79 -17.96
N VAL B 96 16.17 -12.00 -18.34
CA VAL B 96 17.53 -12.49 -18.12
C VAL B 96 18.56 -11.80 -19.02
N PRO B 97 18.27 -11.39 -20.26
CA PRO B 97 19.32 -10.67 -21.02
C PRO B 97 19.74 -9.39 -20.33
N PHE B 98 18.82 -8.73 -19.64
CA PHE B 98 19.13 -7.48 -18.96
C PHE B 98 19.86 -7.73 -17.66
N LEU B 99 19.56 -8.84 -16.98
CA LEU B 99 20.31 -9.21 -15.80
C LEU B 99 21.75 -9.58 -16.15
N VAL B 100 21.95 -10.30 -17.26
CA VAL B 100 23.31 -10.62 -17.67
C VAL B 100 24.09 -9.35 -17.95
N GLU B 101 23.44 -8.37 -18.59
CA GLU B 101 24.14 -7.12 -18.89
C GLU B 101 24.50 -6.39 -17.61
N LEU B 102 23.66 -6.47 -16.59
CA LEU B 102 24.01 -5.83 -15.33
C LEU B 102 25.24 -6.48 -14.73
N VAL B 103 25.32 -7.82 -14.80
CA VAL B 103 26.48 -8.54 -14.30
C VAL B 103 27.74 -8.10 -15.01
N GLN B 104 27.70 -8.05 -16.34
CA GLN B 104 28.85 -7.62 -17.10
C GLN B 104 29.25 -6.20 -16.75
N ARG B 105 28.26 -5.32 -16.51
CA ARG B 105 28.59 -3.95 -16.16
C ARG B 105 29.28 -3.87 -14.79
N LEU B 106 28.85 -4.69 -13.85
CA LEU B 106 29.49 -4.72 -12.53
C LEU B 106 30.96 -5.10 -12.66
N GLN B 107 31.25 -6.13 -13.45
CA GLN B 107 32.62 -6.56 -13.66
C GLN B 107 33.48 -5.42 -14.17
N GLU B 108 32.90 -4.55 -15.02
CA GLU B 108 33.66 -3.45 -15.60
C GLU B 108 33.78 -2.27 -14.67
N LYS B 109 32.84 -2.10 -13.75
CA LYS B 109 32.82 -0.94 -12.85
C LYS B 109 33.47 -1.23 -11.51
N GLU B 110 32.98 -2.25 -10.81
CA GLU B 110 33.46 -2.62 -9.47
C GLU B 110 33.70 -4.12 -9.44
N PRO B 111 34.74 -4.59 -10.12
CA PRO B 111 34.96 -6.04 -10.19
C PRO B 111 35.14 -6.69 -8.82
N ASP B 112 35.50 -5.93 -7.80
CA ASP B 112 35.67 -6.48 -6.46
C ASP B 112 34.37 -6.75 -5.72
N LEU B 113 33.25 -6.20 -6.17
CA LEU B 113 31.96 -6.39 -5.53
C LEU B 113 31.11 -7.44 -6.25
N MET B 114 31.73 -8.27 -7.08
CA MET B 114 31.04 -9.35 -7.76
C MET B 114 30.46 -10.31 -6.72
N PRO B 115 29.14 -10.48 -6.66
CA PRO B 115 28.55 -11.29 -5.59
C PRO B 115 28.97 -12.74 -5.67
N GLN B 116 29.11 -13.38 -4.51
CA GLN B 116 29.41 -14.81 -4.47
C GLN B 116 28.17 -15.64 -4.70
N VAL B 117 26.99 -15.04 -4.59
CA VAL B 117 25.75 -15.75 -4.86
C VAL B 117 24.70 -14.71 -5.20
N VAL B 118 23.73 -15.11 -6.01
CA VAL B 118 22.67 -14.22 -6.49
C VAL B 118 21.34 -14.83 -6.14
N LEU B 119 20.50 -14.07 -5.43
CA LEU B 119 19.10 -14.44 -5.22
C LEU B 119 18.28 -13.82 -6.34
N VAL B 120 17.48 -14.66 -7.00
CA VAL B 120 16.72 -14.29 -8.20
C VAL B 120 15.23 -14.31 -7.88
N ASP B 121 14.51 -13.27 -8.31
CA ASP B 121 13.07 -13.15 -8.09
C ASP B 121 12.35 -14.05 -9.09
N GLY B 122 12.28 -15.32 -8.74
CA GLY B 122 11.71 -16.32 -9.62
C GLY B 122 12.34 -17.67 -9.37
N ASN B 123 11.73 -18.70 -9.96
CA ASN B 123 12.13 -20.06 -9.66
C ASN B 123 13.45 -20.41 -10.31
N GLY B 124 14.10 -21.44 -9.74
CA GLY B 124 15.22 -22.12 -10.36
C GLY B 124 14.77 -23.42 -11.00
N VAL B 125 15.16 -24.55 -10.40
CA VAL B 125 14.84 -25.84 -10.99
C VAL B 125 13.38 -26.21 -10.84
N LEU B 126 12.65 -25.47 -10.00
CA LEU B 126 11.21 -25.64 -9.82
C LEU B 126 10.51 -24.96 -10.99
N HIS B 127 10.37 -25.69 -12.10
CA HIS B 127 10.08 -25.09 -13.39
C HIS B 127 9.55 -26.14 -14.34
N GLN B 128 8.68 -25.71 -15.27
CA GLN B 128 8.03 -26.62 -16.21
C GLN B 128 9.02 -27.51 -16.94
N ARG B 129 10.23 -27.01 -17.19
CA ARG B 129 11.27 -27.79 -17.86
C ARG B 129 12.52 -27.90 -17.00
N GLY B 130 12.37 -27.72 -15.69
CA GLY B 130 13.50 -27.84 -14.80
C GLY B 130 14.59 -26.83 -15.08
N PHE B 131 14.24 -25.68 -15.66
CA PHE B 131 15.26 -24.69 -16.02
C PHE B 131 14.61 -23.31 -15.96
N GLY B 132 14.43 -22.83 -14.73
CA GLY B 132 13.81 -21.54 -14.52
C GLY B 132 14.79 -20.41 -14.66
N VAL B 133 14.27 -19.19 -14.50
CA VAL B 133 15.09 -18.00 -14.72
C VAL B 133 16.33 -18.01 -13.85
N ALA B 134 16.25 -18.60 -12.64
CA ALA B 134 17.40 -18.59 -11.75
C ALA B 134 18.50 -19.51 -12.28
N CYS B 135 18.13 -20.70 -12.76
CA CYS B 135 19.10 -21.54 -13.46
C CYS B 135 19.63 -20.82 -14.69
N HIS B 136 18.75 -20.13 -15.41
CA HIS B 136 19.16 -19.51 -16.65
C HIS B 136 20.22 -18.43 -16.42
N LEU B 137 20.04 -17.63 -15.37
CA LEU B 137 21.04 -16.65 -15.03
C LEU B 137 22.31 -17.32 -14.54
N GLY B 138 22.18 -18.42 -13.79
CA GLY B 138 23.35 -19.09 -13.27
C GLY B 138 24.21 -19.71 -14.36
N VAL B 139 23.58 -20.34 -15.35
CA VAL B 139 24.37 -20.94 -16.42
C VAL B 139 24.99 -19.86 -17.30
N LEU B 140 24.31 -18.73 -17.49
CA LEU B 140 24.88 -17.69 -18.37
C LEU B 140 25.97 -16.88 -17.69
N THR B 141 25.94 -16.78 -16.37
CA THR B 141 26.98 -16.05 -15.65
C THR B 141 27.96 -16.97 -14.94
N GLU B 142 27.61 -18.24 -14.74
CA GLU B 142 28.34 -19.20 -13.92
C GLU B 142 28.44 -18.78 -12.46
N LEU B 143 27.64 -17.77 -12.04
CA LEU B 143 27.52 -17.47 -10.62
C LEU B 143 26.58 -18.47 -9.94
N PRO B 144 26.81 -18.74 -8.65
CA PRO B 144 25.79 -19.46 -7.87
C PRO B 144 24.51 -18.63 -7.73
N CYS B 145 23.36 -19.27 -7.97
CA CYS B 145 22.08 -18.59 -7.95
C CYS B 145 21.05 -19.38 -7.16
N ILE B 146 20.22 -18.66 -6.40
CA ILE B 146 19.10 -19.23 -5.65
C ILE B 146 17.81 -18.72 -6.30
N GLY B 147 16.87 -19.63 -6.54
CA GLY B 147 15.54 -19.26 -6.98
C GLY B 147 14.59 -19.00 -5.83
N VAL B 148 14.03 -17.80 -5.75
CA VAL B 148 13.06 -17.45 -4.72
C VAL B 148 11.77 -16.98 -5.40
N ALA B 149 10.71 -17.75 -5.22
CA ALA B 149 9.42 -17.39 -5.79
C ALA B 149 8.44 -17.03 -4.68
N LYS B 150 7.55 -16.08 -4.98
CA LYS B 150 6.59 -15.57 -4.01
C LYS B 150 5.26 -16.28 -4.10
N LYS B 151 4.97 -16.95 -5.20
CA LYS B 151 3.86 -17.88 -5.27
C LYS B 151 4.32 -19.13 -6.01
N LEU B 152 3.54 -20.18 -5.84
CA LEU B 152 3.93 -21.51 -6.27
C LEU B 152 3.74 -21.67 -7.76
N LEU B 153 4.80 -22.04 -8.47
CA LEU B 153 4.68 -22.45 -9.86
C LEU B 153 4.16 -23.88 -9.88
N GLN B 154 2.96 -24.07 -10.41
CA GLN B 154 2.30 -25.37 -10.31
C GLN B 154 2.78 -26.24 -11.46
N VAL B 155 3.73 -27.12 -11.15
CA VAL B 155 4.38 -27.99 -12.12
C VAL B 155 4.57 -29.35 -11.46
N ASP B 156 4.49 -30.41 -12.26
CA ASP B 156 4.73 -31.78 -11.84
C ASP B 156 3.90 -32.15 -10.60
N GLY B 157 2.59 -31.98 -10.75
CA GLY B 157 1.67 -32.35 -9.70
C GLY B 157 1.59 -31.38 -8.55
N LEU B 158 2.52 -30.44 -8.43
CA LEU B 158 2.46 -29.46 -7.36
C LEU B 158 1.26 -28.55 -7.55
N GLU B 159 0.56 -28.29 -6.45
CA GLU B 159 -0.70 -27.54 -6.51
C GLU B 159 -0.86 -26.75 -5.22
N ASN B 160 -1.43 -25.55 -5.34
CA ASN B 160 -1.76 -24.74 -4.17
C ASN B 160 -3.18 -25.06 -3.69
N ASN B 161 -3.39 -26.34 -3.40
CA ASN B 161 -4.69 -26.86 -3.04
C ASN B 161 -4.85 -26.91 -1.53
N ALA B 162 -5.90 -27.60 -1.06
CA ALA B 162 -6.18 -27.69 0.37
C ALA B 162 -5.04 -28.38 1.10
N LEU B 163 -4.49 -29.44 0.52
CA LEU B 163 -3.37 -30.14 1.14
C LEU B 163 -2.17 -29.22 1.31
N HIS B 164 -1.87 -28.42 0.29
CA HIS B 164 -0.74 -27.49 0.36
C HIS B 164 -1.00 -26.41 1.41
N LYS B 165 -2.23 -25.90 1.45
CA LYS B 165 -2.59 -24.86 2.42
C LYS B 165 -2.53 -25.36 3.86
N GLU B 166 -2.86 -26.63 4.10
CA GLU B 166 -2.71 -27.20 5.44
C GLU B 166 -1.26 -27.14 5.88
N LYS B 167 -0.34 -27.50 4.97
CA LYS B 167 1.07 -27.51 5.29
C LYS B 167 1.56 -26.12 5.62
N ILE B 168 1.05 -25.11 4.90
CA ILE B 168 1.45 -23.74 5.19
C ILE B 168 1.05 -23.37 6.61
N VAL B 169 -0.09 -23.88 7.08
CA VAL B 169 -0.53 -23.64 8.46
C VAL B 169 0.42 -24.29 9.44
N LEU B 170 1.08 -25.39 9.01
CA LEU B 170 2.05 -26.07 9.85
C LEU B 170 3.37 -25.31 9.99
N LEU B 171 3.70 -24.45 9.03
CA LEU B 171 4.80 -23.51 9.20
C LEU B 171 4.46 -22.58 10.34
N GLN B 172 5.29 -22.59 11.38
CA GLN B 172 4.93 -21.88 12.61
C GLN B 172 5.83 -20.69 12.94
N ALA B 173 7.11 -20.77 12.63
CA ALA B 173 8.06 -19.71 12.92
C ALA B 173 8.94 -19.47 11.70
N GLY B 174 9.65 -18.35 11.72
CA GLY B 174 10.66 -18.11 10.69
C GLY B 174 11.68 -19.22 10.63
N GLY B 175 11.91 -19.73 9.43
CA GLY B 175 12.80 -20.85 9.20
C GLY B 175 12.11 -22.18 9.01
N ASP B 176 10.85 -22.32 9.43
CA ASP B 176 10.14 -23.57 9.19
C ASP B 176 9.97 -23.80 7.69
N THR B 177 10.00 -25.07 7.29
CA THR B 177 9.99 -25.45 5.89
C THR B 177 9.16 -26.71 5.71
N PHE B 178 8.80 -26.96 4.46
CA PHE B 178 8.40 -28.30 4.03
C PHE B 178 8.81 -28.46 2.58
N PRO B 179 9.15 -29.67 2.16
CA PRO B 179 9.66 -29.88 0.82
C PRO B 179 8.57 -29.98 -0.23
N LEU B 180 8.90 -29.51 -1.43
CA LEU B 180 8.01 -29.54 -2.58
C LEU B 180 8.38 -30.75 -3.43
N ILE B 181 7.58 -31.79 -3.34
CA ILE B 181 7.84 -33.05 -4.04
C ILE B 181 6.95 -33.11 -5.27
N GLY B 182 7.58 -33.24 -6.44
CA GLY B 182 6.84 -33.50 -7.65
C GLY B 182 6.22 -34.88 -7.65
N SER B 183 5.43 -35.16 -8.69
CA SER B 183 4.83 -36.47 -8.85
C SER B 183 5.88 -37.55 -9.07
N SER B 184 7.06 -37.18 -9.59
CA SER B 184 8.17 -38.11 -9.77
C SER B 184 8.84 -38.49 -8.45
N GLY B 185 8.43 -37.91 -7.32
CA GLY B 185 9.13 -38.11 -6.07
C GLY B 185 10.38 -37.27 -5.92
N THR B 186 10.69 -36.43 -6.89
CA THR B 186 11.87 -35.59 -6.83
C THR B 186 11.58 -34.31 -6.04
N VAL B 187 12.57 -33.87 -5.26
CA VAL B 187 12.44 -32.67 -4.43
C VAL B 187 12.86 -31.47 -5.29
N LEU B 188 11.87 -30.70 -5.74
CA LEU B 188 12.10 -29.56 -6.61
C LEU B 188 12.39 -28.28 -5.84
N GLY B 189 12.01 -28.19 -4.57
CA GLY B 189 12.21 -26.97 -3.83
C GLY B 189 11.70 -27.12 -2.41
N MET B 190 11.68 -25.99 -1.70
CA MET B 190 11.23 -25.93 -0.32
C MET B 190 10.36 -24.71 -0.11
N ALA B 191 9.22 -24.92 0.57
CA ALA B 191 8.45 -23.81 1.12
C ALA B 191 9.12 -23.36 2.41
N LEU B 192 9.33 -22.05 2.55
CA LEU B 192 10.05 -21.51 3.70
C LEU B 192 9.26 -20.38 4.31
N ARG B 193 9.07 -20.43 5.62
CA ARG B 193 8.50 -19.30 6.33
C ARG B 193 9.62 -18.31 6.63
N SER B 194 9.56 -17.14 5.99
CA SER B 194 10.70 -16.22 5.90
C SER B 194 11.03 -15.56 7.23
N HIS B 195 10.00 -15.21 7.99
CA HIS B 195 10.06 -14.30 9.13
CA HIS B 195 10.20 -14.52 9.24
C HIS B 195 8.94 -14.70 10.09
N ASP B 196 9.11 -14.39 11.38
CA ASP B 196 8.06 -14.72 12.35
C ASP B 196 6.75 -13.99 12.06
N HIS B 197 6.82 -12.81 11.45
CA HIS B 197 5.64 -11.96 11.32
C HIS B 197 5.06 -12.00 9.91
N SER B 198 5.37 -13.04 9.13
CA SER B 198 4.69 -13.30 7.87
C SER B 198 4.12 -14.72 7.89
N THR B 199 3.00 -14.89 7.20
CA THR B 199 2.43 -16.22 7.01
C THR B 199 2.66 -16.76 5.61
N LYS B 200 2.83 -15.88 4.62
CA LYS B 200 2.87 -16.31 3.22
C LYS B 200 4.27 -16.85 2.90
N PRO B 201 4.40 -18.12 2.54
CA PRO B 201 5.73 -18.71 2.37
C PRO B 201 6.46 -18.23 1.12
N LEU B 202 7.78 -18.42 1.14
CA LEU B 202 8.61 -18.36 -0.06
C LEU B 202 8.81 -19.76 -0.61
N TYR B 203 8.97 -19.85 -1.93
CA TYR B 203 9.22 -21.10 -2.65
C TYR B 203 10.66 -21.06 -3.18
N VAL B 204 11.55 -21.77 -2.52
CA VAL B 204 12.98 -21.69 -2.79
C VAL B 204 13.43 -22.93 -3.54
N SER B 205 14.14 -22.72 -4.65
CA SER B 205 14.69 -23.85 -5.40
C SER B 205 16.10 -23.51 -5.88
N VAL B 206 16.84 -24.56 -6.24
CA VAL B 206 18.22 -24.42 -6.69
C VAL B 206 18.26 -23.68 -8.02
N GLY B 207 19.12 -22.68 -8.11
CA GLY B 207 19.47 -22.09 -9.40
C GLY B 207 20.67 -22.78 -10.02
N HIS B 208 21.86 -22.63 -9.43
CA HIS B 208 23.12 -23.09 -10.00
C HIS B 208 24.20 -23.06 -8.94
N ARG B 209 25.02 -24.14 -8.91
CA ARG B 209 26.23 -24.19 -8.09
CA ARG B 209 26.22 -24.24 -8.08
C ARG B 209 25.92 -24.05 -6.60
N ILE B 210 24.78 -24.58 -6.16
CA ILE B 210 24.40 -24.58 -4.75
C ILE B 210 23.46 -25.76 -4.53
N SER B 211 23.40 -26.22 -3.29
CA SER B 211 22.45 -27.27 -2.95
C SER B 211 21.21 -26.65 -2.31
N LEU B 212 20.12 -27.41 -2.32
CA LEU B 212 18.84 -26.88 -1.85
C LEU B 212 18.91 -26.54 -0.37
N GLU B 213 19.49 -27.43 0.45
CA GLU B 213 19.52 -27.16 1.89
C GLU B 213 20.27 -25.87 2.17
N VAL B 214 21.34 -25.61 1.42
CA VAL B 214 22.10 -24.39 1.63
C VAL B 214 21.34 -23.18 1.09
N ALA B 215 20.68 -23.33 -0.06
CA ALA B 215 19.88 -22.24 -0.62
C ALA B 215 18.77 -21.83 0.33
N VAL B 216 18.13 -22.81 0.98
CA VAL B 216 17.07 -22.49 1.92
C VAL B 216 17.61 -21.73 3.11
N ARG B 217 18.71 -22.22 3.68
CA ARG B 217 19.24 -21.61 4.88
C ARG B 217 19.77 -20.20 4.60
N LEU B 218 20.35 -19.99 3.42
CA LEU B 218 20.86 -18.67 3.13
C LEU B 218 19.70 -17.70 2.88
N THR B 219 18.71 -18.13 2.11
CA THR B 219 17.53 -17.29 1.93
C THR B 219 16.97 -16.84 3.26
N HIS B 220 16.82 -17.78 4.21
CA HIS B 220 16.32 -17.43 5.53
C HIS B 220 17.19 -16.37 6.21
N HIS B 221 18.52 -16.49 6.08
CA HIS B 221 19.41 -15.53 6.73
C HIS B 221 19.37 -14.15 6.13
N CYS B 222 18.87 -14.01 4.91
CA CYS B 222 18.75 -12.70 4.27
C CYS B 222 17.41 -12.01 4.55
N CYS B 223 16.50 -12.63 5.31
CA CYS B 223 15.13 -12.13 5.44
C CYS B 223 14.97 -11.21 6.65
N ARG B 224 15.18 -9.91 6.45
CA ARG B 224 14.70 -8.92 7.42
C ARG B 224 13.18 -8.92 7.45
N PHE B 225 12.57 -8.98 6.28
CA PHE B 225 11.13 -9.04 6.04
C PHE B 225 10.83 -10.30 5.23
N ARG B 226 9.61 -10.39 4.71
CA ARG B 226 9.23 -11.59 3.98
C ARG B 226 10.08 -11.78 2.73
N ILE B 227 10.31 -10.71 1.98
CA ILE B 227 11.15 -10.80 0.78
C ILE B 227 12.61 -10.73 1.21
N PRO B 228 13.47 -11.63 0.72
CA PRO B 228 14.89 -11.57 1.09
C PRO B 228 15.51 -10.24 0.69
N GLU B 229 16.34 -9.73 1.60
CA GLU B 229 16.84 -8.36 1.46
C GLU B 229 17.51 -8.05 0.13
N PRO B 230 18.31 -8.93 -0.50
CA PRO B 230 18.83 -8.61 -1.84
C PRO B 230 17.74 -8.42 -2.91
N ILE B 231 16.79 -9.36 -3.01
CA ILE B 231 15.70 -9.19 -3.96
C ILE B 231 14.88 -7.96 -3.60
N ARG B 232 14.57 -7.82 -2.30
CA ARG B 232 13.72 -6.74 -1.85
C ARG B 232 14.31 -5.38 -2.20
N GLN B 233 15.63 -5.24 -2.09
CA GLN B 233 16.31 -3.98 -2.39
C GLN B 233 16.33 -3.72 -3.89
N ALA B 234 16.45 -4.76 -4.70
CA ALA B 234 16.39 -4.55 -6.15
C ALA B 234 14.99 -4.13 -6.57
N ASP B 235 13.97 -4.75 -5.97
CA ASP B 235 12.60 -4.42 -6.30
C ASP B 235 12.27 -2.98 -5.92
N ILE B 236 12.71 -2.55 -4.73
CA ILE B 236 12.44 -1.20 -4.28
C ILE B 236 13.12 -0.18 -5.19
N ARG B 237 14.39 -0.42 -5.50
CA ARG B 237 15.17 0.53 -6.28
CA ARG B 237 15.16 0.55 -6.27
C ARG B 237 14.74 0.57 -7.73
N SER B 238 14.30 -0.57 -8.28
CA SER B 238 13.87 -0.56 -9.66
C SER B 238 12.51 0.11 -9.82
N ARG B 239 11.61 -0.09 -8.84
CA ARG B 239 10.30 0.57 -8.90
C ARG B 239 10.44 2.07 -8.65
N GLU B 240 11.28 2.48 -7.71
CA GLU B 240 11.53 3.90 -7.49
C GLU B 240 12.05 4.56 -8.75
N TYR B 241 12.89 3.86 -9.52
CA TYR B 241 13.40 4.43 -10.75
C TYR B 241 12.29 4.62 -11.78
N ILE B 242 11.39 3.64 -11.90
CA ILE B 242 10.24 3.83 -12.78
C ILE B 242 9.36 4.97 -12.29
N ARG B 243 9.19 5.08 -10.97
CA ARG B 243 8.33 6.11 -10.41
C ARG B 243 8.83 7.50 -10.77
N ARG B 244 10.12 7.75 -10.55
CA ARG B 244 10.70 9.07 -10.79
C ARG B 244 10.90 9.38 -12.27
N THR B 245 10.65 8.42 -13.17
CA THR B 245 10.56 8.69 -14.59
C THR B 245 9.12 8.63 -15.09
N LEU B 246 8.15 8.71 -14.17
CA LEU B 246 6.74 8.85 -14.51
C LEU B 246 6.14 10.08 -13.82
#